data_5W8D
#
_entry.id   5W8D
#
_cell.length_a   90.713
_cell.length_b   90.713
_cell.length_c   97.924
_cell.angle_alpha   90.00
_cell.angle_beta   90.00
_cell.angle_gamma   120.00
#
_symmetry.space_group_name_H-M   'P 32 2 1'
#
loop_
_entity.id
_entity.type
_entity.pdbx_description
1 polymer 'Autoinducer synthase'
2 non-polymer "5'-DEOXY-5'-METHYLTHIOADENOSINE"
3 non-polymer GLYCEROL
4 water water
#
_entity_poly.entity_id   1
_entity_poly.type   'polypeptide(L)'
_entity_poly.pdbx_seq_one_letter_code
;GHMIHAISAVNRHLYEDVLEQHFRLRHDIFVEERHWETLRRPDGREVDSYDDEDTVYLLALEGRRVVGGHRLYPTTKPSM
MSEVFPHLAAVRGCPSDPLIWEWSRYFVVRDRRDGALNLQLMAAVQEFCLDQGIAQVSAIMETWWLPRFHEAGFVVTPLG
LPALVENAWTMAATVDIRRQTLDVLHDRIGMPSIVQQDGPRLDAVARANLCGLAAAQRKSA
;
_entity_poly.pdbx_strand_id   A
#
loop_
_chem_comp.id
_chem_comp.type
_chem_comp.name
_chem_comp.formula
GOL non-polymer GLYCEROL 'C3 H8 O3'
MTA non-polymer 5'-DEOXY-5'-METHYLTHIOADENOSINE 'C11 H15 N5 O3 S'
#
# COMPACT_ATOMS: atom_id res chain seq x y z
N GLY A 1 -10.42 8.59 16.89
CA GLY A 1 -11.49 9.22 16.04
C GLY A 1 -11.43 8.72 14.61
N HIS A 2 -10.64 9.41 13.79
CA HIS A 2 -10.47 9.07 12.37
C HIS A 2 -9.61 7.81 12.19
N MET A 3 -10.05 6.92 11.30
CA MET A 3 -9.43 5.60 11.15
C MET A 3 -9.01 5.32 9.70
N ILE A 4 -8.21 4.27 9.51
CA ILE A 4 -7.86 3.75 8.19
C ILE A 4 -8.83 2.60 7.89
N HIS A 5 -9.55 2.70 6.77
CA HIS A 5 -10.54 1.70 6.41
C HIS A 5 -10.00 0.67 5.42
N ALA A 6 -10.17 -0.60 5.77
CA ALA A 6 -9.80 -1.71 4.88
C ALA A 6 -10.96 -2.01 3.93
N ILE A 7 -10.71 -1.78 2.64
CA ILE A 7 -11.73 -1.90 1.61
C ILE A 7 -11.31 -2.98 0.61
N SER A 8 -12.19 -3.95 0.38
CA SER A 8 -11.92 -5.09 -0.50
C SER A 8 -13.18 -5.45 -1.29
N ALA A 9 -13.10 -6.52 -2.07
CA ALA A 9 -14.24 -7.01 -2.85
C ALA A 9 -15.44 -7.30 -1.96
N VAL A 10 -15.20 -7.78 -0.75
CA VAL A 10 -16.30 -8.21 0.13
C VAL A 10 -17.06 -7.06 0.81
N ASN A 11 -16.47 -5.87 0.85
CA ASN A 11 -17.14 -4.73 1.50
C ASN A 11 -17.18 -3.42 0.70
N ARG A 12 -16.71 -3.46 -0.55
CA ARG A 12 -16.61 -2.24 -1.35
C ARG A 12 -17.96 -1.61 -1.69
N HIS A 13 -19.03 -2.41 -1.60
CA HIS A 13 -20.40 -1.91 -1.73
C HIS A 13 -20.73 -0.83 -0.68
N LEU A 14 -19.89 -0.73 0.36
CA LEU A 14 -20.04 0.31 1.37
C LEU A 14 -19.11 1.50 1.13
N TYR A 15 -18.33 1.44 0.06
CA TYR A 15 -17.27 2.42 -0.18
C TYR A 15 -17.11 2.87 -1.63
N GLU A 16 -18.11 2.63 -2.48
CA GLU A 16 -17.93 2.98 -3.90
C GLU A 16 -17.62 4.46 -4.12
N ASP A 17 -18.30 5.31 -3.35
N ASP A 17 -18.25 5.35 -3.37
CA ASP A 17 -18.07 6.76 -3.32
CA ASP A 17 -17.97 6.78 -3.53
C ASP A 17 -16.62 7.08 -3.00
C ASP A 17 -16.59 7.17 -2.96
N VAL A 18 -16.16 6.51 -1.89
CA VAL A 18 -14.81 6.72 -1.36
C VAL A 18 -13.75 6.22 -2.34
N LEU A 19 -13.98 5.05 -2.95
CA LEU A 19 -13.03 4.50 -3.92
C LEU A 19 -12.81 5.40 -5.13
N GLU A 20 -13.90 5.90 -5.71
N GLU A 20 -13.90 5.90 -5.71
CA GLU A 20 -13.81 6.82 -6.86
CA GLU A 20 -13.84 6.82 -6.86
C GLU A 20 -13.07 8.10 -6.48
C GLU A 20 -13.07 8.10 -6.48
N GLN A 21 -13.35 8.61 -5.28
CA GLN A 21 -12.66 9.78 -4.75
C GLN A 21 -11.14 9.53 -4.68
N HIS A 22 -10.75 8.33 -4.23
CA HIS A 22 -9.33 8.01 -4.09
C HIS A 22 -8.62 7.82 -5.44
N PHE A 23 -9.32 7.28 -6.45
CA PHE A 23 -8.75 7.17 -7.79
C PHE A 23 -8.42 8.54 -8.38
N ARG A 24 -9.26 9.53 -8.09
CA ARG A 24 -9.05 10.90 -8.58
C ARG A 24 -7.93 11.59 -7.81
N LEU A 25 -7.86 11.35 -6.50
CA LEU A 25 -6.77 11.87 -5.68
C LEU A 25 -5.44 11.28 -6.10
N ARG A 26 -5.42 9.98 -6.40
CA ARG A 26 -4.21 9.33 -6.93
C ARG A 26 -3.77 10.00 -8.23
N HIS A 27 -4.72 10.45 -9.03
CA HIS A 27 -4.38 11.16 -10.25
C HIS A 27 -3.79 12.54 -9.93
N ASP A 28 -4.41 13.26 -9.00
CA ASP A 28 -3.88 14.54 -8.54
C ASP A 28 -2.45 14.43 -8.02
N ILE A 29 -2.19 13.38 -7.24
CA ILE A 29 -0.91 13.24 -6.54
C ILE A 29 0.18 12.56 -7.39
N PHE A 30 -0.11 11.37 -7.90
CA PHE A 30 0.90 10.62 -8.63
C PHE A 30 1.15 11.17 -10.03
N VAL A 31 0.10 11.66 -10.68
CA VAL A 31 0.25 12.20 -12.04
C VAL A 31 0.57 13.70 -12.06
N GLU A 32 -0.34 14.53 -11.52
CA GLU A 32 -0.18 15.99 -11.62
C GLU A 32 0.93 16.56 -10.72
N GLU A 33 1.09 15.98 -9.52
CA GLU A 33 2.13 16.45 -8.60
C GLU A 33 3.48 15.77 -8.82
N ARG A 34 3.50 14.45 -8.79
CA ARG A 34 4.76 13.71 -8.89
C ARG A 34 5.24 13.50 -10.33
N HIS A 35 4.38 13.79 -11.29
CA HIS A 35 4.72 13.68 -12.72
C HIS A 35 5.04 12.24 -13.15
N TRP A 36 4.35 11.26 -12.58
CA TRP A 36 4.48 9.88 -13.03
C TRP A 36 3.62 9.75 -14.28
N GLU A 37 4.12 10.30 -15.39
CA GLU A 37 3.35 10.46 -16.63
C GLU A 37 2.84 9.17 -17.27
N THR A 38 3.53 8.04 -17.04
CA THR A 38 3.05 6.76 -17.58
C THR A 38 1.66 6.41 -17.05
N LEU A 39 1.26 7.02 -15.93
CA LEU A 39 -0.02 6.74 -15.29
C LEU A 39 -1.14 7.72 -15.63
N ARG A 40 -0.85 8.73 -16.45
CA ARG A 40 -1.86 9.72 -16.83
C ARG A 40 -3.00 9.05 -17.60
N ARG A 41 -4.22 9.44 -17.28
N ARG A 41 -4.22 9.43 -17.28
CA ARG A 41 -5.41 8.93 -17.94
CA ARG A 41 -5.41 8.91 -17.95
C ARG A 41 -6.38 10.06 -18.20
C ARG A 41 -6.37 10.07 -18.21
N PRO A 42 -7.07 10.02 -19.35
CA PRO A 42 -7.96 11.13 -19.74
C PRO A 42 -9.26 11.23 -18.93
N ASP A 43 -9.63 10.19 -18.20
CA ASP A 43 -10.78 10.26 -17.29
C ASP A 43 -10.41 10.91 -15.94
N GLY A 44 -9.14 11.24 -15.75
CA GLY A 44 -8.67 11.84 -14.50
C GLY A 44 -8.73 10.87 -13.34
N ARG A 45 -8.79 9.58 -13.65
CA ARG A 45 -8.80 8.52 -12.64
C ARG A 45 -7.50 7.74 -12.81
N GLU A 46 -6.73 7.60 -11.72
CA GLU A 46 -5.47 6.90 -11.77
C GLU A 46 -5.69 5.44 -11.38
N VAL A 47 -5.78 4.60 -12.41
CA VAL A 47 -6.19 3.21 -12.26
C VAL A 47 -5.27 2.37 -13.15
N ASP A 48 -4.64 1.35 -12.56
CA ASP A 48 -3.72 0.52 -13.34
C ASP A 48 -4.18 -0.96 -13.33
N SER A 49 -3.34 -1.85 -13.85
CA SER A 49 -3.67 -3.28 -13.96
C SER A 49 -3.82 -3.99 -12.61
N TYR A 50 -3.41 -3.34 -11.53
CA TYR A 50 -3.44 -3.96 -10.19
C TYR A 50 -4.56 -3.37 -9.34
N ASP A 51 -5.45 -2.63 -9.99
CA ASP A 51 -6.73 -2.24 -9.42
C ASP A 51 -7.78 -3.16 -10.02
N ASP A 52 -8.07 -4.26 -9.34
CA ASP A 52 -9.08 -5.22 -9.82
C ASP A 52 -9.84 -5.83 -8.64
N GLU A 53 -10.48 -6.97 -8.85
CA GLU A 53 -11.30 -7.64 -7.82
C GLU A 53 -10.51 -8.01 -6.57
N ASP A 54 -9.20 -8.25 -6.72
CA ASP A 54 -8.39 -8.78 -5.63
C ASP A 54 -7.58 -7.74 -4.84
N THR A 55 -7.65 -6.49 -5.27
CA THR A 55 -6.96 -5.40 -4.59
C THR A 55 -7.60 -5.09 -3.24
N VAL A 56 -6.78 -4.78 -2.25
CA VAL A 56 -7.25 -4.28 -0.96
C VAL A 56 -6.73 -2.86 -0.81
N TYR A 57 -7.63 -1.95 -0.45
CA TYR A 57 -7.28 -0.55 -0.24
C TYR A 57 -7.35 -0.24 1.24
N LEU A 58 -6.32 0.42 1.75
CA LEU A 58 -6.31 0.90 3.13
C LEU A 58 -6.34 2.41 3.06
N LEU A 59 -7.52 2.98 3.25
CA LEU A 59 -7.74 4.41 3.03
C LEU A 59 -8.02 5.17 4.33
N ALA A 60 -7.24 6.21 4.58
CA ALA A 60 -7.44 7.10 5.73
C ALA A 60 -8.65 7.97 5.46
N LEU A 61 -9.67 7.86 6.33
CA LEU A 61 -10.92 8.61 6.16
C LEU A 61 -11.15 9.59 7.31
N GLU A 62 -11.59 10.79 6.95
CA GLU A 62 -12.12 11.76 7.92
C GLU A 62 -13.55 12.02 7.50
N GLY A 63 -14.48 11.36 8.19
CA GLY A 63 -15.84 11.26 7.69
C GLY A 63 -15.81 10.41 6.44
N ARG A 64 -16.13 11.03 5.30
CA ARG A 64 -16.03 10.35 4.02
C ARG A 64 -14.94 10.96 3.11
N ARG A 65 -14.18 11.90 3.65
CA ARG A 65 -13.05 12.47 2.93
C ARG A 65 -11.83 11.54 3.05
N VAL A 66 -11.28 11.16 1.89
CA VAL A 66 -10.03 10.39 1.83
C VAL A 66 -8.86 11.36 2.03
N VAL A 67 -8.06 11.15 3.07
CA VAL A 67 -6.93 12.05 3.34
C VAL A 67 -5.57 11.38 3.14
N GLY A 68 -5.59 10.08 2.88
CA GLY A 68 -4.37 9.33 2.65
C GLY A 68 -4.69 7.87 2.43
N GLY A 69 -3.66 7.08 2.11
CA GLY A 69 -3.86 5.66 1.93
C GLY A 69 -2.76 4.93 1.19
N HIS A 70 -3.00 3.65 0.96
CA HIS A 70 -2.12 2.78 0.18
C HIS A 70 -2.92 1.55 -0.21
N ARG A 71 -2.32 0.66 -1.00
CA ARG A 71 -3.00 -0.55 -1.46
C ARG A 71 -2.13 -1.79 -1.40
N LEU A 72 -2.80 -2.94 -1.35
CA LEU A 72 -2.17 -4.24 -1.26
C LEU A 72 -2.73 -5.14 -2.35
N TYR A 73 -1.85 -5.94 -2.94
CA TYR A 73 -2.23 -6.79 -4.08
C TYR A 73 -1.56 -8.16 -3.92
N PRO A 74 -2.29 -9.26 -4.20
CA PRO A 74 -1.69 -10.57 -3.93
C PRO A 74 -0.57 -10.91 -4.92
N THR A 75 0.55 -11.43 -4.41
CA THR A 75 1.66 -11.79 -5.29
C THR A 75 1.45 -13.15 -5.97
N THR A 76 0.33 -13.82 -5.67
CA THR A 76 -0.04 -15.04 -6.38
C THR A 76 -0.61 -14.73 -7.78
N LYS A 77 -0.94 -13.47 -8.04
CA LYS A 77 -1.30 -12.97 -9.38
C LYS A 77 -0.08 -12.27 -9.97
N PRO A 78 -0.04 -12.09 -11.31
CA PRO A 78 1.00 -11.21 -11.88
C PRO A 78 0.98 -9.84 -11.17
N SER A 79 2.17 -9.35 -10.81
CA SER A 79 2.27 -8.18 -9.95
C SER A 79 3.09 -7.10 -10.64
N MET A 80 3.10 -5.89 -10.06
CA MET A 80 3.94 -4.84 -10.59
C MET A 80 5.40 -5.29 -10.62
N MET A 81 5.84 -5.96 -9.55
CA MET A 81 7.22 -6.44 -9.51
C MET A 81 7.50 -7.50 -10.58
N SER A 82 6.63 -8.51 -10.67
CA SER A 82 6.84 -9.61 -11.64
C SER A 82 6.73 -9.13 -13.10
N GLU A 83 5.81 -8.20 -13.36
CA GLU A 83 5.56 -7.75 -14.73
C GLU A 83 6.37 -6.54 -15.17
N VAL A 84 6.49 -5.54 -14.30
CA VAL A 84 7.08 -4.25 -14.68
C VAL A 84 8.54 -4.15 -14.26
N PHE A 85 8.85 -4.64 -13.06
CA PHE A 85 10.19 -4.43 -12.50
C PHE A 85 10.93 -5.71 -12.08
N PRO A 86 10.84 -6.82 -12.86
CA PRO A 86 11.46 -8.04 -12.33
C PRO A 86 12.98 -7.94 -12.22
N HIS A 87 13.59 -7.06 -13.01
CA HIS A 87 15.04 -6.83 -12.95
C HIS A 87 15.49 -6.28 -11.60
N LEU A 88 14.59 -5.63 -10.87
CA LEU A 88 14.91 -5.11 -9.54
C LEU A 88 14.97 -6.20 -8.47
N ALA A 89 14.49 -7.39 -8.79
CA ALA A 89 14.48 -8.50 -7.84
C ALA A 89 15.27 -9.70 -8.36
N ALA A 90 16.24 -9.45 -9.22
CA ALA A 90 16.99 -10.52 -9.87
C ALA A 90 17.83 -11.36 -8.90
N VAL A 91 18.30 -10.74 -7.81
CA VAL A 91 19.14 -11.45 -6.85
C VAL A 91 18.35 -12.49 -6.05
N ARG A 92 17.24 -12.05 -5.44
CA ARG A 92 16.46 -12.94 -4.56
C ARG A 92 15.21 -13.53 -5.23
N GLY A 93 14.74 -12.92 -6.32
CA GLY A 93 13.52 -13.37 -7.00
C GLY A 93 12.27 -12.60 -6.59
N CYS A 94 11.34 -12.44 -7.53
CA CYS A 94 10.06 -11.79 -7.24
C CYS A 94 9.22 -12.68 -6.33
N PRO A 95 8.63 -12.08 -5.28
CA PRO A 95 7.73 -12.84 -4.39
C PRO A 95 6.53 -13.41 -5.14
N SER A 96 6.11 -14.61 -4.73
CA SER A 96 4.90 -15.25 -5.23
C SER A 96 4.38 -16.19 -4.16
N ASP A 97 3.46 -15.70 -3.32
CA ASP A 97 3.09 -16.43 -2.10
C ASP A 97 1.82 -15.81 -1.53
N PRO A 98 0.83 -16.64 -1.13
CA PRO A 98 -0.38 -16.11 -0.49
C PRO A 98 -0.07 -15.24 0.73
N LEU A 99 1.09 -15.48 1.35
CA LEU A 99 1.49 -14.78 2.57
C LEU A 99 2.36 -13.52 2.32
N ILE A 100 2.52 -13.16 1.05
CA ILE A 100 3.23 -11.94 0.68
C ILE A 100 2.35 -11.13 -0.26
N TRP A 101 2.06 -9.89 0.14
CA TRP A 101 1.25 -9.01 -0.69
C TRP A 101 2.04 -7.79 -1.11
N GLU A 102 1.82 -7.34 -2.33
CA GLU A 102 2.55 -6.21 -2.89
C GLU A 102 1.92 -4.90 -2.44
N TRP A 103 2.75 -3.99 -1.92
CA TRP A 103 2.30 -2.76 -1.27
C TRP A 103 2.70 -1.56 -2.12
N SER A 104 1.72 -0.72 -2.48
CA SER A 104 1.98 0.40 -3.39
C SER A 104 1.04 1.56 -3.17
N ARG A 105 1.29 2.64 -3.90
CA ARG A 105 0.43 3.83 -3.97
C ARG A 105 0.24 4.54 -2.63
N TYR A 106 1.31 4.61 -1.84
CA TYR A 106 1.30 5.32 -0.55
C TYR A 106 1.16 6.80 -0.84
N PHE A 107 0.14 7.44 -0.27
CA PHE A 107 -0.07 8.87 -0.46
C PHE A 107 -0.69 9.52 0.78
N VAL A 108 -0.41 10.81 0.94
CA VAL A 108 -1.00 11.65 1.99
C VAL A 108 -1.37 12.97 1.31
N VAL A 109 -2.62 13.40 1.44
CA VAL A 109 -3.04 14.68 0.84
C VAL A 109 -2.27 15.84 1.48
N ARG A 110 -2.03 16.90 0.71
CA ARG A 110 -1.24 18.04 1.17
C ARG A 110 -1.63 18.56 2.56
N ASP A 111 -2.93 18.68 2.80
CA ASP A 111 -3.47 19.20 4.07
C ASP A 111 -3.11 18.36 5.30
N ARG A 112 -2.66 17.13 5.07
CA ARG A 112 -2.37 16.21 6.17
C ARG A 112 -0.91 15.78 6.25
N ARG A 113 -0.06 16.38 5.43
CA ARG A 113 1.36 16.05 5.43
C ARG A 113 2.10 16.61 6.65
N ASP A 114 3.25 16.03 6.96
CA ASP A 114 4.06 16.42 8.12
C ASP A 114 3.23 16.51 9.42
N GLY A 115 2.36 15.54 9.63
CA GLY A 115 1.50 15.48 10.82
C GLY A 115 1.40 14.06 11.36
N ALA A 116 0.29 13.76 12.02
CA ALA A 116 0.08 12.46 12.66
C ALA A 116 -0.24 11.34 11.67
N LEU A 117 -0.81 11.70 10.52
CA LEU A 117 -1.32 10.70 9.57
C LEU A 117 -0.26 9.71 9.09
N ASN A 118 0.94 10.21 8.80
CA ASN A 118 1.97 9.35 8.21
C ASN A 118 2.26 8.09 9.02
N LEU A 119 2.51 8.26 10.32
CA LEU A 119 2.84 7.11 11.17
C LEU A 119 1.63 6.17 11.36
N GLN A 120 0.43 6.71 11.27
CA GLN A 120 -0.79 5.91 11.31
C GLN A 120 -0.90 5.01 10.07
N LEU A 121 -0.48 5.55 8.93
CA LEU A 121 -0.46 4.77 7.68
C LEU A 121 0.59 3.66 7.73
N MET A 122 1.73 3.94 8.35
CA MET A 122 2.77 2.91 8.57
C MET A 122 2.24 1.81 9.48
N ALA A 123 1.59 2.21 10.57
CA ALA A 123 0.98 1.25 11.49
C ALA A 123 -0.12 0.42 10.82
N ALA A 124 -0.88 1.05 9.93
CA ALA A 124 -2.02 0.39 9.29
C ALA A 124 -1.65 -0.84 8.44
N VAL A 125 -0.55 -0.77 7.69
CA VAL A 125 -0.13 -1.93 6.89
C VAL A 125 0.28 -3.09 7.79
N GLN A 126 0.96 -2.78 8.89
CA GLN A 126 1.37 -3.80 9.86
C GLN A 126 0.14 -4.43 10.55
N GLU A 127 -0.81 -3.59 10.94
CA GLU A 127 -2.01 -4.06 11.67
C GLU A 127 -2.89 -4.95 10.80
N PHE A 128 -3.18 -4.47 9.57
CA PHE A 128 -4.01 -5.24 8.66
C PHE A 128 -3.40 -6.59 8.33
N CYS A 129 -2.11 -6.59 7.97
CA CYS A 129 -1.42 -7.83 7.61
C CYS A 129 -1.33 -8.83 8.77
N LEU A 130 -1.02 -8.33 9.97
CA LEU A 130 -0.95 -9.20 11.14
C LEU A 130 -2.31 -9.84 11.44
N ASP A 131 -3.37 -9.04 11.33
CA ASP A 131 -4.74 -9.54 11.50
C ASP A 131 -5.08 -10.63 10.48
N GLN A 132 -4.59 -10.47 9.25
CA GLN A 132 -4.88 -11.40 8.16
C GLN A 132 -3.90 -12.58 8.12
N GLY A 133 -2.85 -12.52 8.93
CA GLY A 133 -1.81 -13.54 8.91
C GLY A 133 -0.90 -13.43 7.72
N ILE A 134 -0.84 -12.25 7.10
CA ILE A 134 0.13 -11.98 6.03
C ILE A 134 1.50 -11.76 6.67
N ALA A 135 2.52 -12.48 6.18
CA ALA A 135 3.85 -12.47 6.81
C ALA A 135 4.77 -11.34 6.33
N GLN A 136 4.63 -10.96 5.06
CA GLN A 136 5.49 -9.93 4.46
C GLN A 136 4.72 -9.12 3.45
N VAL A 137 5.15 -7.88 3.23
CA VAL A 137 4.72 -7.15 2.05
C VAL A 137 5.93 -6.89 1.18
N SER A 138 5.70 -6.78 -0.13
CA SER A 138 6.77 -6.49 -1.07
C SER A 138 6.53 -5.10 -1.64
N ALA A 139 7.60 -4.42 -2.03
CA ALA A 139 7.48 -3.07 -2.54
C ALA A 139 8.54 -2.75 -3.58
N ILE A 140 8.15 -1.96 -4.57
CA ILE A 140 9.10 -1.28 -5.41
C ILE A 140 9.10 0.15 -4.89
N MET A 141 10.26 0.63 -4.46
CA MET A 141 10.31 1.94 -3.82
C MET A 141 11.54 2.75 -4.18
N GLU A 142 11.40 4.07 -4.19
N GLU A 142 11.38 4.06 -4.18
CA GLU A 142 12.53 4.95 -4.33
CA GLU A 142 12.51 4.97 -4.30
C GLU A 142 13.39 4.81 -3.08
C GLU A 142 13.39 4.81 -3.07
N THR A 143 14.70 4.91 -3.25
CA THR A 143 15.66 4.64 -2.17
C THR A 143 15.51 5.53 -0.93
N TRP A 144 14.94 6.73 -1.09
CA TRP A 144 14.67 7.60 0.07
C TRP A 144 13.63 7.02 1.04
N TRP A 145 12.92 5.97 0.63
CA TRP A 145 12.01 5.25 1.54
C TRP A 145 12.72 4.45 2.64
N LEU A 146 13.98 4.10 2.39
CA LEU A 146 14.74 3.28 3.36
C LEU A 146 14.84 3.87 4.78
N PRO A 147 15.26 5.15 4.92
CA PRO A 147 15.27 5.70 6.27
C PRO A 147 13.88 5.87 6.89
N ARG A 148 12.86 6.12 6.05
CA ARG A 148 11.47 6.20 6.53
C ARG A 148 11.00 4.86 7.08
N PHE A 149 11.30 3.78 6.37
CA PHE A 149 11.00 2.43 6.87
C PHE A 149 11.72 2.18 8.19
N HIS A 150 13.02 2.47 8.22
CA HIS A 150 13.84 2.25 9.42
C HIS A 150 13.32 3.04 10.62
N GLU A 151 12.92 4.29 10.36
CA GLU A 151 12.35 5.17 11.40
C GLU A 151 11.07 4.59 12.02
N ALA A 152 10.31 3.83 11.23
CA ALA A 152 9.07 3.21 11.71
C ALA A 152 9.33 1.80 12.27
N GLY A 153 10.59 1.42 12.32
CA GLY A 153 10.99 0.11 12.82
C GLY A 153 10.69 -1.06 11.88
N PHE A 154 10.46 -0.77 10.61
CA PHE A 154 10.18 -1.82 9.61
C PHE A 154 11.44 -2.62 9.33
N VAL A 155 11.32 -3.95 9.36
CA VAL A 155 12.41 -4.86 9.03
C VAL A 155 12.40 -5.05 7.52
N VAL A 156 13.48 -4.62 6.85
CA VAL A 156 13.51 -4.55 5.38
C VAL A 156 14.53 -5.52 4.78
N THR A 157 14.10 -6.30 3.79
CA THR A 157 14.98 -7.22 3.08
C THR A 157 15.04 -6.86 1.59
N PRO A 158 16.18 -6.27 1.15
CA PRO A 158 16.35 -5.96 -0.27
C PRO A 158 16.32 -7.23 -1.13
N LEU A 159 15.71 -7.13 -2.31
CA LEU A 159 15.57 -8.28 -3.21
C LEU A 159 16.54 -8.24 -4.40
N GLY A 160 17.22 -7.11 -4.58
CA GLY A 160 18.11 -6.96 -5.72
C GLY A 160 18.87 -5.67 -5.68
N LEU A 161 19.59 -5.37 -6.75
CA LEU A 161 20.38 -4.16 -6.82
C LEU A 161 19.46 -2.96 -7.08
N PRO A 162 19.71 -1.82 -6.41
CA PRO A 162 19.02 -0.59 -6.79
C PRO A 162 19.37 -0.23 -8.23
N ALA A 163 18.44 0.45 -8.91
CA ALA A 163 18.62 0.86 -10.29
C ALA A 163 17.86 2.14 -10.55
N LEU A 164 18.29 2.89 -11.55
CA LEU A 164 17.54 4.06 -12.01
C LEU A 164 16.24 3.61 -12.67
N VAL A 165 15.12 4.16 -12.21
CA VAL A 165 13.83 3.98 -12.86
C VAL A 165 13.39 5.40 -13.20
N GLU A 166 13.34 5.68 -14.50
CA GLU A 166 13.33 7.04 -15.01
C GLU A 166 14.60 7.75 -14.53
N ASN A 167 14.43 8.73 -13.66
CA ASN A 167 15.59 9.48 -13.19
C ASN A 167 15.73 9.33 -11.68
N ALA A 168 15.14 8.26 -11.14
CA ALA A 168 15.08 8.06 -9.69
C ALA A 168 15.62 6.70 -9.29
N TRP A 169 16.53 6.72 -8.33
CA TRP A 169 17.08 5.48 -7.76
C TRP A 169 15.99 4.71 -7.05
N THR A 170 15.80 3.46 -7.48
CA THR A 170 14.67 2.64 -7.07
C THR A 170 15.18 1.24 -6.72
N MET A 171 14.45 0.55 -5.84
N MET A 171 14.48 0.56 -5.80
CA MET A 171 14.82 -0.80 -5.42
CA MET A 171 14.83 -0.81 -5.44
C MET A 171 13.58 -1.63 -5.15
C MET A 171 13.63 -1.62 -4.97
N ALA A 172 13.76 -2.94 -5.03
CA ALA A 172 12.71 -3.87 -4.64
C ALA A 172 13.12 -4.50 -3.33
N ALA A 173 12.13 -4.70 -2.46
CA ALA A 173 12.39 -5.21 -1.12
C ALA A 173 11.13 -5.87 -0.54
N THR A 174 11.32 -6.70 0.48
CA THR A 174 10.19 -7.09 1.33
C THR A 174 10.28 -6.38 2.67
N VAL A 175 9.13 -6.22 3.30
CA VAL A 175 9.04 -5.75 4.67
C VAL A 175 8.44 -6.88 5.48
N ASP A 176 9.11 -7.25 6.59
CA ASP A 176 8.60 -8.24 7.52
C ASP A 176 7.46 -7.66 8.37
N ILE A 177 6.32 -8.31 8.36
CA ILE A 177 5.22 -7.93 9.25
C ILE A 177 5.54 -8.49 10.64
N ARG A 178 5.56 -7.62 11.65
CA ARG A 178 5.92 -8.04 13.00
C ARG A 178 5.00 -7.47 14.06
N ARG A 179 4.48 -8.33 14.93
CA ARG A 179 3.73 -7.88 16.11
C ARG A 179 4.53 -6.85 16.91
N GLN A 180 5.83 -7.10 17.08
CA GLN A 180 6.74 -6.21 17.81
C GLN A 180 6.78 -4.82 17.18
N THR A 181 6.97 -4.78 15.86
CA THR A 181 6.92 -3.53 15.09
C THR A 181 5.60 -2.78 15.32
N LEU A 182 4.50 -3.51 15.24
CA LEU A 182 3.17 -2.94 15.40
C LEU A 182 2.94 -2.39 16.81
N ASP A 183 3.37 -3.14 17.81
CA ASP A 183 3.18 -2.76 19.22
C ASP A 183 3.84 -1.41 19.52
N VAL A 184 5.06 -1.22 19.02
CA VAL A 184 5.76 0.06 19.16
C VAL A 184 5.02 1.18 18.45
N LEU A 185 4.54 0.91 17.23
CA LEU A 185 3.79 1.91 16.47
C LEU A 185 2.44 2.27 17.11
N HIS A 186 1.76 1.29 17.69
CA HIS A 186 0.54 1.55 18.47
C HIS A 186 0.83 2.53 19.61
N ASP A 187 1.92 2.30 20.33
CA ASP A 187 2.39 3.19 21.40
C ASP A 187 2.68 4.58 20.85
N ARG A 188 3.37 4.63 19.70
CA ARG A 188 3.78 5.90 19.11
C ARG A 188 2.61 6.74 18.59
N ILE A 189 1.61 6.09 17.99
CA ILE A 189 0.43 6.81 17.48
C ILE A 189 -0.61 7.07 18.58
N GLY A 190 -0.43 6.41 19.72
CA GLY A 190 -1.32 6.59 20.88
C GLY A 190 -2.70 6.00 20.67
N MET A 191 -2.78 4.89 19.93
CA MET A 191 -4.04 4.21 19.64
C MET A 191 -3.82 2.70 19.61
N PRO A 192 -4.72 1.93 20.26
CA PRO A 192 -4.58 0.47 20.26
C PRO A 192 -4.93 -0.16 18.90
N SER A 193 -5.62 0.59 18.05
CA SER A 193 -6.10 0.09 16.76
C SER A 193 -6.29 1.24 15.76
N ILE A 194 -5.74 1.08 14.55
CA ILE A 194 -5.86 2.11 13.52
C ILE A 194 -6.69 1.65 12.30
N VAL A 195 -6.91 0.34 12.17
CA VAL A 195 -7.63 -0.21 11.02
C VAL A 195 -9.08 -0.56 11.37
N GLN A 196 -10.02 0.05 10.64
CA GLN A 196 -11.44 -0.24 10.74
C GLN A 196 -11.85 -1.17 9.60
N GLN A 197 -12.57 -2.24 9.94
CA GLN A 197 -13.04 -3.21 8.94
C GLN A 197 -14.55 -3.40 8.97
N ASP A 198 -15.26 -2.53 8.27
CA ASP A 198 -16.73 -2.55 8.19
C ASP A 198 -17.24 -3.54 7.15
N GLY A 199 -18.47 -4.02 7.35
CA GLY A 199 -19.07 -5.00 6.45
C GLY A 199 -18.49 -6.39 6.65
N PRO A 200 -18.74 -7.30 5.70
CA PRO A 200 -18.30 -8.70 5.80
C PRO A 200 -16.78 -8.85 6.00
N ARG A 201 -16.41 -9.90 6.72
CA ARG A 201 -15.01 -10.23 7.01
C ARG A 201 -14.27 -10.65 5.75
N LEU A 202 -13.06 -10.13 5.57
CA LEU A 202 -12.23 -10.49 4.43
C LEU A 202 -11.23 -11.58 4.83
N ASP A 203 -11.18 -12.66 4.06
CA ASP A 203 -10.15 -13.68 4.24
C ASP A 203 -9.11 -13.56 3.13
N ALA A 204 -8.17 -12.64 3.32
CA ALA A 204 -7.18 -12.30 2.28
C ALA A 204 -6.33 -13.48 1.84
N VAL A 205 -5.80 -14.24 2.80
CA VAL A 205 -4.92 -15.38 2.49
C VAL A 205 -5.66 -16.45 1.68
N ALA A 206 -6.91 -16.72 2.05
CA ALA A 206 -7.77 -17.64 1.28
C ALA A 206 -7.95 -17.15 -0.15
N ARG A 207 -8.35 -15.88 -0.30
CA ARG A 207 -8.51 -15.27 -1.63
C ARG A 207 -7.24 -15.37 -2.47
N ALA A 208 -6.09 -15.13 -1.85
CA ALA A 208 -4.80 -15.20 -2.55
C ALA A 208 -4.49 -16.63 -3.00
N ASN A 209 -4.84 -17.61 -2.17
CA ASN A 209 -4.69 -19.02 -2.51
C ASN A 209 -5.53 -19.40 -3.74
N LEU A 210 -6.74 -18.84 -3.83
CA LEU A 210 -7.63 -19.07 -4.98
C LEU A 210 -7.00 -18.53 -6.27
N CYS A 211 -6.31 -17.40 -6.16
CA CYS A 211 -5.54 -16.84 -7.27
C CYS A 211 -4.30 -17.71 -7.53
CS MTA B . 6.83 2.23 -7.99
S5' MTA B . 8.26 3.25 -8.17
C5' MTA B . 7.59 4.58 -9.12
C4' MTA B . 7.69 4.32 -10.62
O4' MTA B . 6.90 3.19 -10.98
C2' MTA B . 5.81 5.05 -11.96
O2' MTA B . 5.54 5.63 -13.24
C3' MTA B . 7.14 5.51 -11.40
O3' MTA B . 8.04 5.81 -12.46
C1' MTA B . 6.01 3.55 -12.05
N9 MTA B . 4.75 2.77 -11.93
C8 MTA B . 3.89 2.73 -10.89
N7 MTA B . 2.86 1.89 -11.16
C5 MTA B . 3.06 1.38 -12.39
C6 MTA B . 2.36 0.45 -13.31
N6 MTA B . 1.20 -0.15 -12.97
N1 MTA B . 2.94 0.21 -14.52
C2 MTA B . 4.09 0.78 -14.90
N3 MTA B . 4.77 1.64 -14.13
C4 MTA B . 4.31 1.97 -12.90
C1 GOL C . 4.00 2.16 -0.95
O1 GOL C . 4.07 2.91 -2.17
C2 GOL C . 5.32 1.46 -0.67
O2 GOL C . 5.77 0.80 -1.86
C3 GOL C . 6.36 2.48 -0.22
O3 GOL C . 7.03 2.99 -1.38
#